data_4J84
#
_entry.id   4J84
#
_cell.length_a   42.554
_cell.length_b   46.155
_cell.length_c   84.300
_cell.angle_alpha   81.46
_cell.angle_beta   81.96
_cell.angle_gamma   69.47
#
_symmetry.space_group_name_H-M   'P 1'
#
loop_
_entity.id
_entity.type
_entity.pdbx_description
1 polymer "Coatomer subunit beta'"
2 polymer SCYL1
3 water water
#
loop_
_entity_poly.entity_id
_entity_poly.type
_entity_poly.pdbx_seq_one_letter_code
_entity_poly.pdbx_strand_id
1 'polypeptide(L)'
;MKLDIKKTFSNRSDRVKGIDFHPTEPWVLTTLYSGRVEIWNYETQVEVRSIQVTETPVRAGKFIARKNWIIVGSDDFRIR
VFNYNTGEKVVDFEAHPDYIRSIAVHPTKPYVLSGSDDLTVKLWNWENNWALEQTFEGHEHFVMCVAFNPKDPSTFASGC
LDRTVKVWSLGQSTPNFTLTTGQERGVNYVDYYPLPDKPYMITASDDLTIKIWDYQTKSCVATLEGHMSNVSFAVFHPTL
PIIISGSEDGTLKIWNSSTYKVEKTLNVGLERSWCIATHPTGRKNYIASGFDNGFTVLSLG
;
A,B
2 'polypeptide(L)' ARKLD C,D
#
# COMPACT_ATOMS: atom_id res chain seq x y z
N MET A 1 33.71 -7.45 13.60
CA MET A 1 32.46 -7.16 14.29
C MET A 1 31.99 -5.74 13.98
N LYS A 2 32.40 -5.24 12.82
CA LYS A 2 31.99 -3.91 12.43
C LYS A 2 30.79 -4.00 11.49
N LEU A 3 29.68 -3.41 11.91
CA LEU A 3 28.47 -3.33 11.10
C LEU A 3 28.20 -1.88 10.75
N ASP A 4 27.75 -1.64 9.52
CA ASP A 4 27.29 -0.33 9.10
C ASP A 4 25.92 -0.50 8.46
N ILE A 5 24.88 -0.33 9.26
CA ILE A 5 23.50 -0.55 8.81
C ILE A 5 22.83 0.74 8.38
N LYS A 6 22.35 0.75 7.14
CA LYS A 6 21.62 1.90 6.60
C LYS A 6 20.21 1.47 6.19
N LYS A 7 19.23 2.30 6.51
CA LYS A 7 17.86 2.07 6.07
C LYS A 7 17.73 2.54 4.64
N THR A 8 17.41 1.62 3.74
CA THR A 8 17.28 1.91 2.33
C THR A 8 15.87 2.38 2.00
N PHE A 9 14.88 1.67 2.55
CA PHE A 9 13.48 1.96 2.29
C PHE A 9 12.62 1.22 3.28
N SER A 10 11.72 1.93 3.94
CA SER A 10 10.70 1.33 4.77
C SER A 10 9.37 1.98 4.42
N ASN A 11 8.31 1.19 4.39
CA ASN A 11 6.98 1.70 4.13
C ASN A 11 6.00 0.98 5.02
N ARG A 12 4.92 1.66 5.38
CA ARG A 12 3.86 1.07 6.19
C ARG A 12 2.88 0.31 5.31
N SER A 13 2.36 -0.79 5.84
CA SER A 13 1.36 -1.59 5.16
C SER A 13 0.71 -2.54 6.17
N ASP A 14 -0.26 -3.30 5.70
CA ASP A 14 -0.80 -4.37 6.52
C ASP A 14 0.27 -5.44 6.70
N ARG A 15 0.02 -6.36 7.63
CA ARG A 15 1.02 -7.33 8.06
C ARG A 15 1.66 -8.08 6.89
N VAL A 16 2.99 -8.02 6.82
CA VAL A 16 3.77 -8.68 5.78
C VAL A 16 4.20 -10.06 6.26
N LYS A 17 3.69 -11.10 5.59
CA LYS A 17 3.94 -12.49 5.97
C LYS A 17 5.02 -13.16 5.12
N GLY A 18 5.17 -12.68 3.89
CA GLY A 18 6.20 -13.17 2.98
C GLY A 18 6.94 -12.03 2.33
N ILE A 19 8.20 -12.27 1.98
CA ILE A 19 9.04 -11.24 1.39
C ILE A 19 10.15 -11.91 0.59
N ASP A 20 10.55 -11.29 -0.51
CA ASP A 20 11.58 -11.86 -1.40
C ASP A 20 12.26 -10.80 -2.25
N PHE A 21 13.55 -10.96 -2.51
CA PHE A 21 14.29 -10.06 -3.40
C PHE A 21 14.36 -10.62 -4.82
N HIS A 22 14.21 -9.74 -5.80
CA HIS A 22 14.48 -10.09 -7.19
C HIS A 22 15.99 -10.12 -7.39
N PRO A 23 16.50 -11.09 -8.16
CA PRO A 23 17.97 -11.19 -8.28
C PRO A 23 18.65 -10.12 -9.12
N THR A 24 17.92 -9.49 -10.05
CA THR A 24 18.57 -8.58 -11.00
C THR A 24 17.91 -7.19 -11.10
N GLU A 25 16.68 -7.08 -10.63
CA GLU A 25 16.01 -5.79 -10.52
C GLU A 25 16.04 -5.35 -9.06
N PRO A 26 16.05 -4.04 -8.80
CA PRO A 26 16.08 -3.58 -7.41
C PRO A 26 14.67 -3.63 -6.80
N TRP A 27 14.11 -4.84 -6.74
CA TRP A 27 12.73 -5.01 -6.33
C TRP A 27 12.62 -5.94 -5.14
N VAL A 28 11.63 -5.66 -4.29
CA VAL A 28 11.22 -6.60 -3.25
C VAL A 28 9.73 -6.91 -3.40
N LEU A 29 9.37 -8.18 -3.21
CA LEU A 29 7.99 -8.62 -3.17
C LEU A 29 7.55 -8.76 -1.73
N THR A 30 6.38 -8.22 -1.42
CA THR A 30 5.76 -8.44 -0.12
C THR A 30 4.40 -9.08 -0.31
N THR A 31 4.09 -10.06 0.52
CA THR A 31 2.76 -10.67 0.53
C THR A 31 2.12 -10.41 1.88
N LEU A 32 0.85 -10.01 1.86
CA LEU A 32 0.20 -9.42 3.03
C LEU A 32 -0.93 -10.27 3.59
N TYR A 33 -1.17 -10.11 4.88
CA TYR A 33 -2.24 -10.81 5.58
C TYR A 33 -3.61 -10.45 4.99
N SER A 34 -3.70 -9.27 4.36
CA SER A 34 -4.93 -8.77 3.76
C SER A 34 -5.28 -9.38 2.42
N GLY A 35 -4.36 -10.17 1.85
CA GLY A 35 -4.60 -10.82 0.56
C GLY A 35 -3.98 -10.07 -0.60
N ARG A 36 -3.36 -8.94 -0.30
CA ARG A 36 -2.69 -8.11 -1.29
C ARG A 36 -1.21 -8.53 -1.41
N VAL A 37 -0.66 -8.41 -2.61
CA VAL A 37 0.79 -8.52 -2.79
C VAL A 37 1.31 -7.26 -3.49
N GLU A 38 2.54 -6.87 -3.16
CA GLU A 38 3.12 -5.65 -3.69
C GLU A 38 4.55 -5.91 -4.15
N ILE A 39 4.89 -5.40 -5.33
CA ILE A 39 6.29 -5.37 -5.74
C ILE A 39 6.79 -3.92 -5.71
N TRP A 40 7.81 -3.68 -4.90
CA TRP A 40 8.40 -2.34 -4.75
C TRP A 40 9.77 -2.25 -5.36
N ASN A 41 10.04 -1.14 -6.04
CA ASN A 41 11.42 -0.79 -6.37
C ASN A 41 11.96 -0.02 -5.18
N TYR A 42 12.90 -0.62 -4.46
CA TYR A 42 13.37 -0.01 -3.21
C TYR A 42 14.44 1.06 -3.42
N GLU A 43 14.91 1.21 -4.67
CA GLU A 43 15.82 2.31 -5.02
C GLU A 43 15.06 3.59 -5.33
N THR A 44 13.98 3.46 -6.10
CA THR A 44 13.17 4.64 -6.46
C THR A 44 12.00 4.86 -5.51
N GLN A 45 11.72 3.87 -4.66
CA GLN A 45 10.59 3.90 -3.73
C GLN A 45 9.25 4.10 -4.43
N VAL A 46 9.05 3.31 -5.49
CA VAL A 46 7.85 3.35 -6.30
C VAL A 46 7.37 1.91 -6.54
N GLU A 47 6.07 1.71 -6.52
CA GLU A 47 5.50 0.38 -6.75
C GLU A 47 5.62 -0.06 -8.22
N VAL A 48 6.18 -1.25 -8.43
CA VAL A 48 6.26 -1.82 -9.77
C VAL A 48 4.90 -2.35 -10.20
N ARG A 49 4.27 -3.13 -9.31
CA ARG A 49 2.96 -3.71 -9.55
C ARG A 49 2.41 -4.17 -8.21
N SER A 50 1.09 -4.11 -8.05
CA SER A 50 0.45 -4.68 -6.87
C SER A 50 -0.85 -5.36 -7.29
N ILE A 51 -1.25 -6.38 -6.53
CA ILE A 51 -2.43 -7.15 -6.88
C ILE A 51 -3.21 -7.52 -5.62
N GLN A 52 -4.52 -7.32 -5.65
CA GLN A 52 -5.36 -7.91 -4.63
C GLN A 52 -5.66 -9.34 -5.07
N VAL A 53 -4.89 -10.28 -4.53
CA VAL A 53 -4.93 -11.65 -4.99
C VAL A 53 -6.16 -12.39 -4.49
N THR A 54 -6.49 -12.16 -3.22
CA THR A 54 -7.55 -12.88 -2.53
C THR A 54 -7.96 -12.07 -1.31
N GLU A 55 -8.97 -12.53 -0.56
CA GLU A 55 -9.33 -11.86 0.68
C GLU A 55 -8.69 -12.52 1.89
N THR A 56 -8.03 -13.65 1.66
CA THR A 56 -7.40 -14.40 2.73
C THR A 56 -5.91 -14.04 2.80
N PRO A 57 -5.25 -14.35 3.94
CA PRO A 57 -3.81 -14.12 4.03
C PRO A 57 -3.01 -14.83 2.93
N VAL A 58 -2.06 -14.12 2.35
CA VAL A 58 -1.05 -14.69 1.47
C VAL A 58 0.26 -14.82 2.25
N ARG A 59 0.53 -16.02 2.76
CA ARG A 59 1.66 -16.24 3.65
C ARG A 59 3.01 -16.49 2.95
N ALA A 60 2.95 -16.81 1.66
CA ALA A 60 4.17 -17.24 0.98
C ALA A 60 4.24 -16.59 -0.39
N GLY A 61 5.42 -16.12 -0.76
CA GLY A 61 5.61 -15.50 -2.05
C GLY A 61 7.08 -15.51 -2.45
N LYS A 62 7.32 -15.84 -3.72
CA LYS A 62 8.66 -15.86 -4.27
C LYS A 62 8.66 -15.34 -5.69
N PHE A 63 9.77 -14.74 -6.09
CA PHE A 63 10.03 -14.49 -7.50
C PHE A 63 10.48 -15.78 -8.15
N ILE A 64 10.04 -15.97 -9.40
CA ILE A 64 10.69 -16.92 -10.30
C ILE A 64 11.18 -16.06 -11.46
N ALA A 65 12.35 -15.44 -11.23
CA ALA A 65 12.85 -14.41 -12.12
C ALA A 65 13.10 -14.91 -13.54
N ARG A 66 13.55 -16.14 -13.70
CA ARG A 66 13.84 -16.67 -15.04
C ARG A 66 12.60 -16.88 -15.91
N LYS A 67 11.42 -16.74 -15.30
CA LYS A 67 10.15 -16.84 -16.02
C LYS A 67 9.34 -15.53 -15.96
N ASN A 68 9.92 -14.50 -15.35
CA ASN A 68 9.23 -13.25 -15.06
C ASN A 68 7.93 -13.43 -14.27
N TRP A 69 7.96 -14.32 -13.29
CA TRP A 69 6.80 -14.62 -12.49
C TRP A 69 7.00 -14.26 -11.02
N ILE A 70 5.88 -14.08 -10.33
CA ILE A 70 5.85 -14.32 -8.89
C ILE A 70 4.91 -15.50 -8.64
N ILE A 71 5.19 -16.26 -7.58
CA ILE A 71 4.32 -17.35 -7.18
C ILE A 71 3.92 -17.10 -5.73
N VAL A 72 2.62 -17.24 -5.44
CA VAL A 72 2.13 -16.95 -4.11
C VAL A 72 1.19 -18.05 -3.62
N GLY A 73 1.15 -18.25 -2.31
CA GLY A 73 0.29 -19.26 -1.72
C GLY A 73 -0.51 -18.64 -0.60
N SER A 74 -1.78 -19.01 -0.49
CA SER A 74 -2.66 -18.33 0.45
C SER A 74 -3.57 -19.25 1.28
N ASP A 75 -4.22 -18.68 2.28
CA ASP A 75 -5.07 -19.43 3.20
C ASP A 75 -6.34 -19.96 2.56
N ASP A 76 -6.61 -19.57 1.32
CA ASP A 76 -7.72 -20.16 0.57
C ASP A 76 -7.31 -21.48 -0.10
N PHE A 77 -6.09 -21.92 0.20
CA PHE A 77 -5.57 -23.24 -0.20
C PHE A 77 -4.90 -23.24 -1.57
N ARG A 78 -4.82 -22.07 -2.19
CA ARG A 78 -4.44 -21.98 -3.60
C ARG A 78 -3.03 -21.44 -3.87
N ILE A 79 -2.40 -21.98 -4.90
CA ILE A 79 -1.18 -21.43 -5.47
C ILE A 79 -1.58 -20.63 -6.70
N ARG A 80 -1.07 -19.41 -6.82
CA ARG A 80 -1.31 -18.58 -8.00
C ARG A 80 0.01 -18.04 -8.49
N VAL A 81 0.14 -17.93 -9.81
CA VAL A 81 1.35 -17.42 -10.43
C VAL A 81 0.96 -16.25 -11.32
N PHE A 82 1.72 -15.17 -11.22
CA PHE A 82 1.46 -13.98 -12.01
C PHE A 82 2.72 -13.58 -12.77
N ASN A 83 2.53 -13.17 -14.02
CA ASN A 83 3.63 -12.54 -14.75
C ASN A 83 3.74 -11.08 -14.30
N TYR A 84 4.90 -10.67 -13.79
CA TYR A 84 4.98 -9.33 -13.19
C TYR A 84 5.16 -8.22 -14.20
N ASN A 85 5.38 -8.57 -15.46
CA ASN A 85 5.49 -7.57 -16.51
C ASN A 85 4.14 -7.16 -17.10
N THR A 86 3.24 -8.13 -17.22
CA THR A 86 1.91 -7.91 -17.81
C THR A 86 0.81 -7.96 -16.76
N GLY A 87 1.07 -8.69 -15.68
CA GLY A 87 0.05 -8.93 -14.68
C GLY A 87 -0.80 -10.15 -15.00
N GLU A 88 -0.45 -10.89 -16.05
CA GLU A 88 -1.18 -12.10 -16.40
C GLU A 88 -1.23 -13.05 -15.22
N LYS A 89 -2.41 -13.55 -14.89
CA LYS A 89 -2.47 -14.70 -14.00
C LYS A 89 -2.19 -15.95 -14.81
N VAL A 90 -1.06 -16.59 -14.52
CA VAL A 90 -0.54 -17.71 -15.29
C VAL A 90 -1.23 -19.01 -14.92
N VAL A 91 -1.37 -19.26 -13.63
CA VAL A 91 -2.05 -20.44 -13.13
C VAL A 91 -2.70 -20.13 -11.78
N ASP A 92 -3.70 -20.91 -11.43
CA ASP A 92 -4.46 -20.71 -10.19
C ASP A 92 -5.08 -22.06 -9.85
N PHE A 93 -4.56 -22.72 -8.83
CA PHE A 93 -5.02 -24.07 -8.49
C PHE A 93 -5.01 -24.32 -6.99
N GLU A 94 -5.89 -25.20 -6.54
CA GLU A 94 -5.85 -25.63 -5.14
C GLU A 94 -4.70 -26.60 -4.97
N ALA A 95 -3.78 -26.24 -4.09
CA ALA A 95 -2.57 -27.03 -3.92
C ALA A 95 -2.69 -28.01 -2.76
N HIS A 96 -3.39 -27.61 -1.70
CA HIS A 96 -3.55 -28.42 -0.49
C HIS A 96 -4.95 -28.20 0.04
N PRO A 97 -5.47 -29.14 0.83
CA PRO A 97 -6.77 -28.90 1.48
C PRO A 97 -6.69 -28.09 2.78
N ASP A 98 -5.65 -27.27 2.90
CA ASP A 98 -5.43 -26.49 4.11
C ASP A 98 -4.45 -25.38 3.80
N TYR A 99 -4.15 -24.53 4.79
CA TYR A 99 -3.33 -23.33 4.56
C TYR A 99 -1.96 -23.67 3.97
N ILE A 100 -1.47 -22.82 3.07
CA ILE A 100 -0.10 -22.92 2.57
C ILE A 100 0.79 -22.00 3.41
N ARG A 101 1.85 -22.56 3.98
CA ARG A 101 2.73 -21.79 4.86
C ARG A 101 4.02 -21.31 4.20
N SER A 102 4.48 -22.00 3.17
CA SER A 102 5.82 -21.78 2.67
C SER A 102 5.93 -22.32 1.26
N ILE A 103 6.66 -21.59 0.42
CA ILE A 103 6.95 -22.01 -0.94
C ILE A 103 8.43 -21.86 -1.19
N ALA A 104 9.01 -22.81 -1.91
CA ALA A 104 10.40 -22.72 -2.31
C ALA A 104 10.52 -23.06 -3.78
N VAL A 105 11.45 -22.40 -4.46
CA VAL A 105 11.64 -22.60 -5.89
C VAL A 105 13.01 -23.18 -6.15
N HIS A 106 13.07 -24.22 -6.95
CA HIS A 106 14.33 -24.88 -7.25
C HIS A 106 15.18 -23.92 -8.08
N PRO A 107 16.50 -23.90 -7.84
CA PRO A 107 17.37 -22.96 -8.56
C PRO A 107 17.55 -23.20 -10.06
N THR A 108 17.38 -24.42 -10.54
CA THR A 108 17.62 -24.71 -11.96
C THR A 108 16.44 -25.42 -12.64
N LYS A 109 15.83 -26.36 -11.93
CA LYS A 109 14.73 -27.18 -12.48
C LYS A 109 13.39 -26.48 -12.22
N PRO A 110 12.37 -26.80 -13.01
CA PRO A 110 11.07 -26.10 -12.90
C PRO A 110 10.23 -26.71 -11.80
N TYR A 111 10.80 -26.75 -10.60
CA TYR A 111 10.17 -27.35 -9.44
C TYR A 111 9.85 -26.31 -8.39
N VAL A 112 8.66 -26.45 -7.82
CA VAL A 112 8.25 -25.67 -6.65
C VAL A 112 7.82 -26.61 -5.55
N LEU A 113 8.22 -26.28 -4.32
CA LEU A 113 7.76 -27.00 -3.15
C LEU A 113 6.78 -26.12 -2.40
N SER A 114 5.72 -26.73 -1.89
CA SER A 114 4.80 -26.05 -0.98
C SER A 114 4.64 -26.86 0.30
N GLY A 115 4.68 -26.18 1.43
CA GLY A 115 4.42 -26.82 2.70
C GLY A 115 3.13 -26.29 3.30
N SER A 116 2.41 -27.16 3.98
CA SER A 116 1.03 -26.88 4.37
C SER A 116 0.65 -27.39 5.76
N ASP A 117 -0.44 -26.83 6.25
CA ASP A 117 -1.07 -27.29 7.47
C ASP A 117 -1.64 -28.70 7.33
N ASP A 118 -1.71 -29.19 6.09
CA ASP A 118 -2.17 -30.56 5.83
C ASP A 118 -1.11 -31.62 6.14
N LEU A 119 -0.01 -31.18 6.76
CA LEU A 119 1.04 -32.06 7.25
C LEU A 119 1.99 -32.52 6.16
N THR A 120 1.84 -31.98 4.95
CA THR A 120 2.65 -32.46 3.83
C THR A 120 3.46 -31.38 3.12
N VAL A 121 4.44 -31.83 2.34
CA VAL A 121 5.11 -31.00 1.36
C VAL A 121 4.76 -31.58 0.01
N LYS A 122 4.48 -30.71 -0.95
CA LYS A 122 4.15 -31.15 -2.30
C LYS A 122 5.07 -30.51 -3.32
N LEU A 123 5.42 -31.28 -4.34
CA LEU A 123 6.36 -30.89 -5.38
C LEU A 123 5.58 -30.72 -6.67
N TRP A 124 5.72 -29.55 -7.29
CA TRP A 124 5.00 -29.19 -8.51
C TRP A 124 5.99 -28.94 -9.64
N ASN A 125 5.63 -29.36 -10.85
CA ASN A 125 6.52 -29.24 -12.02
C ASN A 125 5.87 -28.34 -13.07
N TRP A 126 6.38 -27.13 -13.20
CA TRP A 126 5.72 -26.17 -14.11
C TRP A 126 5.97 -26.44 -15.59
N GLU A 127 6.91 -27.35 -15.89
CA GLU A 127 7.13 -27.75 -17.28
C GLU A 127 6.35 -29.02 -17.63
N ASN A 128 5.54 -29.49 -16.68
CA ASN A 128 4.62 -30.60 -16.89
C ASN A 128 3.21 -30.18 -16.47
N ASN A 129 2.79 -29.02 -16.95
CA ASN A 129 1.44 -28.51 -16.69
C ASN A 129 1.14 -28.35 -15.19
N TRP A 130 2.16 -27.98 -14.42
CA TRP A 130 2.03 -27.82 -12.96
C TRP A 130 1.51 -29.09 -12.29
N ALA A 131 1.99 -30.23 -12.77
CA ALA A 131 1.61 -31.50 -12.20
C ALA A 131 2.07 -31.63 -10.74
N LEU A 132 1.28 -32.34 -9.94
CA LEU A 132 1.69 -32.76 -8.62
C LEU A 132 2.58 -33.97 -8.80
N GLU A 133 3.89 -33.77 -8.67
CA GLU A 133 4.86 -34.81 -8.97
C GLU A 133 5.10 -35.74 -7.77
N GLN A 134 5.00 -35.19 -6.57
CA GLN A 134 5.22 -35.98 -5.36
C GLN A 134 4.64 -35.28 -4.15
N THR A 135 4.13 -36.07 -3.22
CA THR A 135 3.73 -35.62 -1.89
C THR A 135 4.62 -36.32 -0.86
N PHE A 136 5.24 -35.52 0.02
CA PHE A 136 6.10 -36.02 1.06
C PHE A 136 5.35 -36.06 2.38
N GLU A 137 5.11 -37.28 2.86
CA GLU A 137 4.32 -37.51 4.04
C GLU A 137 5.23 -38.00 5.15
N GLY A 138 4.92 -37.61 6.38
CA GLY A 138 5.68 -38.06 7.53
C GLY A 138 5.61 -37.09 8.70
N HIS A 139 5.47 -35.81 8.41
CA HIS A 139 5.33 -34.85 9.49
C HIS A 139 4.00 -35.04 10.20
N GLU A 140 3.93 -34.57 11.44
CA GLU A 140 2.76 -34.84 12.27
C GLU A 140 2.05 -33.56 12.73
N HIS A 141 2.47 -32.41 12.19
CA HIS A 141 1.84 -31.12 12.49
C HIS A 141 2.08 -30.20 11.30
N PHE A 142 1.66 -28.94 11.39
CA PHE A 142 1.82 -28.00 10.27
C PHE A 142 3.28 -27.91 9.77
N VAL A 143 3.45 -27.97 8.46
CA VAL A 143 4.76 -27.75 7.88
C VAL A 143 4.93 -26.25 7.65
N MET A 144 5.82 -25.65 8.45
CA MET A 144 5.97 -24.19 8.50
C MET A 144 6.92 -23.60 7.48
N CYS A 145 7.84 -24.40 6.97
CA CYS A 145 8.92 -23.88 6.14
C CYS A 145 9.53 -24.99 5.29
N VAL A 146 9.78 -24.70 4.02
CA VAL A 146 10.51 -25.62 3.15
C VAL A 146 11.64 -24.87 2.47
N ALA A 147 12.75 -25.56 2.25
CA ALA A 147 13.90 -24.94 1.63
C ALA A 147 14.78 -25.97 0.91
N PHE A 148 15.10 -25.69 -0.35
CA PHE A 148 16.07 -26.52 -1.05
C PHE A 148 17.47 -26.30 -0.49
N ASN A 149 18.26 -27.37 -0.44
CA ASN A 149 19.69 -27.20 -0.21
C ASN A 149 20.32 -26.55 -1.43
N PRO A 150 20.81 -25.30 -1.30
CA PRO A 150 21.33 -24.62 -2.49
C PRO A 150 22.56 -25.30 -3.10
N LYS A 151 23.27 -26.08 -2.30
CA LYS A 151 24.44 -26.83 -2.77
C LYS A 151 24.11 -28.22 -3.34
N ASP A 152 22.92 -28.73 -3.02
CA ASP A 152 22.43 -29.99 -3.60
C ASP A 152 20.92 -29.97 -3.61
N PRO A 153 20.33 -29.29 -4.60
CA PRO A 153 18.88 -29.09 -4.59
C PRO A 153 18.06 -30.30 -5.04
N SER A 154 18.69 -31.46 -5.17
CA SER A 154 17.95 -32.71 -5.20
C SER A 154 17.48 -33.06 -3.79
N THR A 155 17.91 -32.28 -2.81
CA THR A 155 17.42 -32.46 -1.45
C THR A 155 16.85 -31.15 -0.92
N PHE A 156 15.94 -31.28 0.03
CA PHE A 156 15.37 -30.12 0.69
C PHE A 156 15.02 -30.44 2.12
N ALA A 157 14.82 -29.39 2.91
CA ALA A 157 14.44 -29.52 4.31
C ALA A 157 13.06 -28.95 4.56
N SER A 158 12.33 -29.59 5.47
CA SER A 158 11.06 -29.08 5.95
C SER A 158 11.12 -28.95 7.47
N GLY A 159 10.58 -27.83 7.95
CA GLY A 159 10.54 -27.53 9.37
C GLY A 159 9.08 -27.55 9.78
N CYS A 160 8.82 -28.17 10.92
CA CYS A 160 7.44 -28.48 11.27
C CYS A 160 7.14 -28.23 12.75
N LEU A 161 5.87 -27.91 13.04
CA LEU A 161 5.47 -27.75 14.43
C LEU A 161 5.57 -29.03 15.26
N ASP A 162 5.81 -30.17 14.61
CA ASP A 162 6.03 -31.44 15.32
C ASP A 162 7.42 -31.56 15.96
N ARG A 163 8.18 -30.46 15.91
CA ARG A 163 9.47 -30.31 16.59
C ARG A 163 10.62 -30.93 15.80
N THR A 164 10.37 -31.26 14.54
CA THR A 164 11.41 -31.86 13.73
C THR A 164 11.72 -31.07 12.48
N VAL A 165 12.91 -31.32 11.94
CA VAL A 165 13.23 -30.98 10.57
C VAL A 165 13.44 -32.31 9.86
N LYS A 166 12.86 -32.44 8.67
CA LYS A 166 13.10 -33.62 7.85
C LYS A 166 13.81 -33.18 6.59
N VAL A 167 14.82 -33.94 6.20
CA VAL A 167 15.56 -33.69 4.99
C VAL A 167 15.26 -34.83 4.03
N TRP A 168 14.86 -34.47 2.82
CA TRP A 168 14.32 -35.41 1.86
C TRP A 168 15.11 -35.37 0.57
N SER A 169 15.03 -36.47 -0.18
CA SER A 169 15.50 -36.50 -1.57
C SER A 169 14.31 -36.54 -2.52
N LEU A 170 14.35 -35.70 -3.56
CA LEU A 170 13.32 -35.78 -4.59
C LEU A 170 13.29 -37.20 -5.12
N GLY A 171 12.10 -37.77 -5.22
CA GLY A 171 11.91 -39.10 -5.77
C GLY A 171 11.91 -40.18 -4.71
N GLN A 172 12.12 -39.82 -3.46
CA GLN A 172 12.13 -40.80 -2.37
C GLN A 172 11.09 -40.43 -1.32
N SER A 173 10.46 -41.44 -0.72
CA SER A 173 9.25 -41.20 0.06
C SER A 173 9.46 -41.00 1.56
N THR A 174 10.63 -41.36 2.06
CA THR A 174 10.90 -41.12 3.46
C THR A 174 12.09 -40.18 3.62
N PRO A 175 12.17 -39.50 4.78
CA PRO A 175 13.31 -38.59 4.94
C PRO A 175 14.66 -39.29 4.91
N ASN A 176 15.67 -38.62 4.37
CA ASN A 176 17.04 -39.13 4.49
C ASN A 176 17.45 -39.14 5.96
N PHE A 177 16.99 -38.14 6.69
CA PHE A 177 17.07 -38.14 8.14
C PHE A 177 16.07 -37.16 8.74
N THR A 178 15.80 -37.35 10.03
CA THR A 178 14.95 -36.44 10.79
C THR A 178 15.78 -35.88 11.92
N LEU A 179 15.79 -34.56 12.04
CA LEU A 179 16.40 -33.92 13.21
C LEU A 179 15.35 -33.72 14.29
N THR A 180 15.58 -34.34 15.45
CA THR A 180 14.74 -34.12 16.60
C THR A 180 15.35 -32.91 17.31
N THR A 181 14.77 -31.74 17.08
CA THR A 181 15.44 -30.49 17.42
C THR A 181 15.50 -30.18 18.89
N GLY A 182 14.57 -30.73 19.67
CA GLY A 182 14.50 -30.37 21.08
C GLY A 182 13.93 -28.99 21.28
N GLN A 183 13.39 -28.40 20.22
CA GLN A 183 12.67 -27.13 20.31
C GLN A 183 11.20 -27.44 20.50
N GLU A 184 10.77 -27.46 21.75
CA GLU A 184 9.55 -28.18 22.08
C GLU A 184 8.22 -27.52 21.70
N ARG A 185 8.29 -26.27 21.24
CA ARG A 185 7.09 -25.60 20.75
C ARG A 185 7.04 -25.61 19.22
N GLY A 186 7.92 -26.39 18.61
CA GLY A 186 7.94 -26.58 17.17
C GLY A 186 9.02 -25.80 16.44
N VAL A 187 9.14 -26.06 15.14
CA VAL A 187 10.07 -25.34 14.28
C VAL A 187 9.26 -24.43 13.36
N ASN A 188 9.56 -23.13 13.38
CA ASN A 188 8.89 -22.16 12.52
C ASN A 188 9.60 -21.92 11.21
N TYR A 189 10.89 -22.23 11.16
CA TYR A 189 11.72 -21.86 10.03
C TYR A 189 12.98 -22.72 9.97
N VAL A 190 13.41 -23.02 8.75
CA VAL A 190 14.66 -23.73 8.52
C VAL A 190 15.35 -23.10 7.31
N ASP A 191 16.67 -23.00 7.36
CA ASP A 191 17.47 -22.32 6.34
C ASP A 191 18.79 -23.04 6.22
N TYR A 192 19.38 -23.01 5.02
CA TYR A 192 20.69 -23.58 4.80
C TYR A 192 21.76 -22.50 4.73
N TYR A 193 22.92 -22.77 5.31
CA TYR A 193 24.11 -21.95 5.04
C TYR A 193 24.45 -22.13 3.56
N PRO A 194 24.61 -21.03 2.81
CA PRO A 194 24.71 -21.19 1.35
C PRO A 194 26.10 -21.51 0.77
N LEU A 195 27.16 -21.48 1.57
CA LEU A 195 28.51 -21.69 1.05
C LEU A 195 29.06 -23.10 1.29
N PRO A 196 30.02 -23.51 0.46
CA PRO A 196 30.48 -24.89 0.45
C PRO A 196 31.27 -25.29 1.70
N ASP A 197 31.77 -24.33 2.48
CA ASP A 197 32.67 -24.70 3.57
C ASP A 197 31.99 -25.38 4.78
N LYS A 198 30.70 -25.14 4.98
CA LYS A 198 29.99 -25.67 6.15
C LYS A 198 28.69 -26.33 5.74
N PRO A 199 28.45 -27.57 6.20
CA PRO A 199 27.16 -28.22 5.94
C PRO A 199 26.18 -27.87 7.05
N TYR A 200 25.82 -26.59 7.12
CA TYR A 200 25.00 -26.12 8.22
C TYR A 200 23.58 -25.78 7.84
N MET A 201 22.69 -25.97 8.81
CA MET A 201 21.29 -25.57 8.73
C MET A 201 20.96 -24.84 9.99
N ILE A 202 19.85 -24.10 9.99
CA ILE A 202 19.46 -23.31 11.16
C ILE A 202 17.96 -23.36 11.36
N THR A 203 17.51 -23.50 12.61
CA THR A 203 16.09 -23.59 12.91
C THR A 203 15.68 -22.54 13.93
N ALA A 204 14.48 -22.01 13.78
CA ALA A 204 13.90 -21.04 14.71
C ALA A 204 12.60 -21.57 15.32
N SER A 205 12.33 -21.23 16.59
CA SER A 205 11.20 -21.80 17.32
C SER A 205 10.45 -20.82 18.21
N ASP A 206 9.18 -21.16 18.48
CA ASP A 206 8.37 -20.46 19.48
C ASP A 206 8.99 -20.60 20.85
N ASP A 207 9.89 -21.57 21.02
CA ASP A 207 10.51 -21.79 22.33
C ASP A 207 11.63 -20.80 22.64
N LEU A 208 11.72 -19.77 21.79
CA LEU A 208 12.61 -18.61 21.96
C LEU A 208 14.05 -18.88 21.52
N THR A 209 14.31 -20.06 20.98
CA THR A 209 15.66 -20.41 20.57
C THR A 209 15.87 -20.52 19.07
N ILE A 210 17.13 -20.40 18.70
CA ILE A 210 17.62 -20.64 17.36
C ILE A 210 18.69 -21.70 17.49
N LYS A 211 18.68 -22.72 16.63
CA LYS A 211 19.71 -23.74 16.67
C LYS A 211 20.40 -23.91 15.33
N ILE A 212 21.71 -24.14 15.40
CA ILE A 212 22.54 -24.42 14.24
C ILE A 212 22.87 -25.91 14.24
N TRP A 213 22.76 -26.53 13.06
CA TRP A 213 22.94 -27.97 12.89
C TRP A 213 23.99 -28.27 11.84
N ASP A 214 24.77 -29.33 12.08
CA ASP A 214 25.65 -29.88 11.05
C ASP A 214 24.87 -31.04 10.43
N TYR A 215 24.55 -30.93 9.15
CA TYR A 215 23.71 -31.94 8.52
C TYR A 215 24.42 -33.25 8.14
N GLN A 216 25.73 -33.29 8.32
CA GLN A 216 26.47 -34.52 8.10
C GLN A 216 26.58 -35.35 9.40
N THR A 217 26.80 -34.69 10.52
CA THR A 217 26.81 -35.38 11.81
C THR A 217 25.45 -35.41 12.51
N LYS A 218 24.52 -34.58 12.03
CA LYS A 218 23.19 -34.42 12.66
C LYS A 218 23.26 -33.93 14.09
N SER A 219 24.26 -33.10 14.38
CA SER A 219 24.49 -32.61 15.74
C SER A 219 24.16 -31.14 15.81
N CYS A 220 23.72 -30.69 16.99
CA CYS A 220 23.50 -29.27 17.22
C CYS A 220 24.82 -28.59 17.54
N VAL A 221 25.21 -27.67 16.68
CA VAL A 221 26.49 -26.97 16.79
C VAL A 221 26.40 -25.85 17.83
N ALA A 222 25.25 -25.20 17.89
CA ALA A 222 25.06 -24.04 18.76
C ALA A 222 23.59 -23.74 18.98
N THR A 223 23.29 -23.17 20.15
CA THR A 223 21.97 -22.65 20.46
C THR A 223 22.08 -21.17 20.77
N LEU A 224 21.30 -20.36 20.06
CA LEU A 224 21.31 -18.91 20.21
C LEU A 224 20.09 -18.45 21.00
N GLU A 225 20.35 -17.90 22.18
CA GLU A 225 19.29 -17.42 23.07
C GLU A 225 19.37 -15.90 23.19
N GLY A 226 18.22 -15.25 23.33
CA GLY A 226 18.16 -13.80 23.48
C GLY A 226 16.83 -13.17 23.10
N HIS A 227 16.13 -13.75 22.14
CA HIS A 227 14.81 -13.23 21.81
C HIS A 227 13.84 -13.40 22.97
N MET A 228 12.86 -12.51 23.07
CA MET A 228 11.93 -12.48 24.19
C MET A 228 10.51 -12.93 23.86
N SER A 229 10.30 -13.34 22.61
CA SER A 229 9.04 -13.95 22.18
C SER A 229 9.35 -14.85 20.99
N ASN A 230 8.31 -15.46 20.42
CA ASN A 230 8.47 -16.42 19.32
C ASN A 230 9.46 -15.95 18.27
N VAL A 231 10.38 -16.81 17.89
CA VAL A 231 11.31 -16.51 16.80
C VAL A 231 10.72 -16.96 15.46
N SER A 232 10.45 -15.98 14.59
CA SER A 232 9.79 -16.21 13.32
C SER A 232 10.71 -16.82 12.26
N PHE A 233 11.98 -16.42 12.28
CA PHE A 233 12.95 -16.88 11.31
C PHE A 233 14.36 -16.67 11.81
N ALA A 234 15.30 -17.39 11.20
CA ALA A 234 16.71 -17.12 11.37
C ALA A 234 17.40 -17.63 10.12
N VAL A 235 18.28 -16.81 9.57
CA VAL A 235 18.96 -17.14 8.33
C VAL A 235 20.43 -16.77 8.37
N PHE A 236 21.24 -17.45 7.57
CA PHE A 236 22.62 -17.05 7.36
C PHE A 236 22.66 -16.01 6.26
N HIS A 237 23.43 -14.94 6.46
CA HIS A 237 23.64 -13.98 5.38
C HIS A 237 24.54 -14.60 4.28
N PRO A 238 24.25 -14.31 3.01
CA PRO A 238 25.04 -14.94 1.94
C PRO A 238 26.48 -14.41 1.77
N THR A 239 26.79 -13.23 2.26
CA THR A 239 28.13 -12.66 2.06
C THR A 239 28.86 -12.32 3.35
N LEU A 240 28.11 -11.86 4.35
CA LEU A 240 28.69 -11.46 5.62
C LEU A 240 28.63 -12.61 6.62
N PRO A 241 29.59 -12.65 7.56
CA PRO A 241 29.66 -13.74 8.56
C PRO A 241 28.69 -13.50 9.70
N ILE A 242 27.41 -13.46 9.35
CA ILE A 242 26.37 -13.18 10.33
C ILE A 242 25.16 -14.06 10.11
N ILE A 243 24.36 -14.15 11.17
CA ILE A 243 23.04 -14.74 11.14
C ILE A 243 22.06 -13.62 11.48
N ILE A 244 20.94 -13.54 10.77
CA ILE A 244 19.89 -12.58 11.09
C ILE A 244 18.63 -13.31 11.53
N SER A 245 18.05 -12.89 12.64
CA SER A 245 16.81 -13.45 13.14
C SER A 245 15.79 -12.34 13.39
N GLY A 246 14.53 -12.71 13.46
CA GLY A 246 13.45 -11.78 13.74
C GLY A 246 12.39 -12.47 14.58
N SER A 247 11.67 -11.68 15.38
CA SER A 247 10.81 -12.24 16.40
C SER A 247 9.55 -11.45 16.63
N GLU A 248 8.57 -12.09 17.24
CA GLU A 248 7.37 -11.39 17.67
C GLU A 248 7.67 -10.42 18.81
N ASP A 249 8.91 -10.41 19.29
CA ASP A 249 9.34 -9.43 20.29
C ASP A 249 9.59 -8.06 19.65
N GLY A 250 9.44 -8.01 18.32
CA GLY A 250 9.57 -6.77 17.57
C GLY A 250 10.97 -6.42 17.10
N THR A 251 11.93 -7.31 17.35
CA THR A 251 13.32 -7.04 16.99
C THR A 251 13.85 -7.93 15.89
N LEU A 252 14.85 -7.38 15.22
CA LEU A 252 15.79 -8.16 14.44
C LEU A 252 17.06 -8.25 15.27
N LYS A 253 17.70 -9.41 15.24
CA LYS A 253 19.01 -9.57 15.86
C LYS A 253 20.03 -10.04 14.84
N ILE A 254 21.22 -9.47 14.92
CA ILE A 254 22.34 -9.91 14.10
C ILE A 254 23.33 -10.60 15.01
N TRP A 255 23.68 -11.84 14.67
CA TRP A 255 24.56 -12.67 15.46
C TRP A 255 25.84 -12.92 14.67
N ASN A 256 26.95 -12.96 15.38
CA ASN A 256 28.23 -13.38 14.81
C ASN A 256 28.18 -14.87 14.46
N SER A 257 28.44 -15.21 13.21
CA SER A 257 28.30 -16.60 12.76
C SER A 257 29.49 -17.49 13.11
N SER A 258 30.52 -16.91 13.73
CA SER A 258 31.64 -17.70 14.23
C SER A 258 31.55 -17.96 15.73
N THR A 259 31.15 -16.95 16.49
CA THR A 259 31.10 -17.06 17.94
C THR A 259 29.69 -17.35 18.43
N TYR A 260 28.71 -17.09 17.57
CA TYR A 260 27.30 -17.34 17.89
C TYR A 260 26.79 -16.45 19.03
N LYS A 261 27.43 -15.29 19.16
CA LYS A 261 26.97 -14.28 20.11
C LYS A 261 26.35 -13.09 19.39
N VAL A 262 25.40 -12.45 20.06
CA VAL A 262 24.68 -11.34 19.47
C VAL A 262 25.61 -10.15 19.27
N GLU A 263 25.52 -9.51 18.11
CA GLU A 263 26.31 -8.32 17.80
C GLU A 263 25.45 -7.07 17.85
N LYS A 264 24.20 -7.17 17.42
CA LYS A 264 23.32 -6.01 17.36
C LYS A 264 21.85 -6.40 17.43
N THR A 265 21.09 -5.63 18.19
CA THR A 265 19.63 -5.75 18.19
C THR A 265 19.00 -4.50 17.60
N LEU A 266 18.10 -4.69 16.63
CA LEU A 266 17.42 -3.56 15.99
C LEU A 266 15.96 -3.50 16.39
N ASN A 267 15.56 -2.36 16.94
CA ASN A 267 14.16 -2.11 17.26
C ASN A 267 13.53 -1.35 16.11
N VAL A 268 12.98 -2.10 15.18
CA VAL A 268 12.51 -1.56 13.91
C VAL A 268 11.28 -0.63 14.04
N GLY A 269 10.46 -0.86 15.06
CA GLY A 269 9.30 -0.01 15.29
C GLY A 269 8.08 -0.33 14.44
N LEU A 270 8.01 -1.56 13.93
CA LEU A 270 6.89 -2.01 13.11
C LEU A 270 6.13 -3.18 13.76
N GLU A 271 6.33 -3.33 15.07
CA GLU A 271 5.73 -4.41 15.86
C GLU A 271 6.29 -5.77 15.42
N ARG A 272 5.47 -6.82 15.41
CA ARG A 272 6.04 -8.18 15.28
C ARG A 272 6.70 -8.42 13.95
N SER A 273 7.86 -9.08 13.95
CA SER A 273 8.54 -9.47 12.72
C SER A 273 8.13 -10.88 12.31
N TRP A 274 7.87 -11.07 11.02
CA TRP A 274 7.36 -12.34 10.49
C TRP A 274 8.22 -13.02 9.45
N CYS A 275 8.91 -12.25 8.62
CA CYS A 275 9.60 -12.83 7.47
C CYS A 275 10.87 -12.08 7.09
N ILE A 276 11.69 -12.72 6.27
CA ILE A 276 13.00 -12.22 5.95
C ILE A 276 13.43 -12.64 4.55
N ALA A 277 14.22 -11.80 3.90
CA ALA A 277 14.87 -12.14 2.65
C ALA A 277 16.25 -11.51 2.61
N THR A 278 17.16 -12.16 1.93
CA THR A 278 18.48 -11.62 1.69
C THR A 278 18.71 -11.59 0.20
N HIS A 279 19.41 -10.57 -0.27
CA HIS A 279 19.64 -10.49 -1.68
C HIS A 279 20.55 -11.61 -2.08
N PRO A 280 20.12 -12.40 -3.04
CA PRO A 280 20.85 -13.63 -3.39
C PRO A 280 22.36 -13.45 -3.63
N THR A 281 22.79 -12.38 -4.29
CA THR A 281 24.22 -12.21 -4.51
C THR A 281 24.88 -11.16 -3.63
N GLY A 282 24.21 -10.78 -2.56
CA GLY A 282 24.80 -9.85 -1.63
C GLY A 282 24.93 -8.41 -2.12
N ARG A 283 24.14 -8.04 -3.12
CA ARG A 283 24.13 -6.65 -3.57
C ARG A 283 23.89 -5.68 -2.39
N LYS A 284 24.86 -4.81 -2.13
CA LYS A 284 24.79 -3.88 -1.00
C LYS A 284 24.52 -4.60 0.30
N ASN A 285 24.74 -5.91 0.27
CA ASN A 285 24.43 -6.79 1.40
C ASN A 285 23.00 -6.61 1.91
N TYR A 286 22.10 -6.23 1.01
CA TYR A 286 20.69 -5.98 1.36
C TYR A 286 20.01 -7.14 2.11
N ILE A 287 19.22 -6.76 3.11
CA ILE A 287 18.25 -7.66 3.71
C ILE A 287 16.92 -6.92 3.79
N ALA A 288 15.84 -7.67 3.88
CA ALA A 288 14.52 -7.08 4.01
C ALA A 288 13.70 -7.92 4.98
N SER A 289 12.86 -7.27 5.78
CA SER A 289 12.02 -8.00 6.70
C SER A 289 10.61 -7.42 6.72
N GLY A 290 9.63 -8.28 6.91
CA GLY A 290 8.24 -7.88 6.95
C GLY A 290 7.72 -8.01 8.37
N PHE A 291 6.86 -7.06 8.75
CA PHE A 291 6.34 -6.95 10.12
C PHE A 291 4.83 -6.71 10.12
N ASP A 292 4.27 -6.69 11.32
CA ASP A 292 2.88 -6.30 11.50
C ASP A 292 2.49 -5.05 10.73
N ASN A 293 3.35 -4.03 10.77
CA ASN A 293 2.95 -2.70 10.30
C ASN A 293 3.69 -2.23 9.04
N GLY A 294 4.40 -3.13 8.37
CA GLY A 294 5.06 -2.78 7.14
C GLY A 294 6.33 -3.58 6.92
N PHE A 295 7.26 -3.03 6.16
CA PHE A 295 8.50 -3.72 5.85
C PHE A 295 9.65 -2.74 5.83
N THR A 296 10.87 -3.26 5.94
CA THR A 296 12.05 -2.43 5.84
C THR A 296 13.13 -3.16 5.03
N VAL A 297 13.84 -2.39 4.21
CA VAL A 297 14.98 -2.88 3.45
C VAL A 297 16.20 -2.19 4.02
N LEU A 298 17.19 -2.96 4.45
CA LEU A 298 18.39 -2.43 5.09
C LEU A 298 19.62 -2.83 4.28
N SER A 299 20.56 -1.92 4.12
CA SER A 299 21.87 -2.29 3.59
C SER A 299 22.85 -2.46 4.76
N LEU A 300 23.69 -3.47 4.67
CA LEU A 300 24.63 -3.75 5.77
C LEU A 300 26.06 -3.45 5.35
N LYS B 2 2.46 30.83 13.90
CA LYS B 2 3.74 30.95 13.21
C LYS B 2 4.04 29.69 12.40
N LEU B 3 4.20 29.86 11.10
CA LEU B 3 4.42 28.75 10.17
C LEU B 3 5.54 27.79 10.58
N ASP B 4 5.17 26.74 11.33
CA ASP B 4 6.12 25.70 11.74
C ASP B 4 5.69 24.32 11.22
N ILE B 5 6.03 24.04 9.97
CA ILE B 5 5.51 22.85 9.28
C ILE B 5 6.18 21.57 9.76
N LYS B 6 5.35 20.60 10.18
CA LYS B 6 5.83 19.35 10.74
C LYS B 6 5.24 18.20 9.93
N LYS B 7 6.05 17.18 9.65
CA LYS B 7 5.55 15.98 8.99
C LYS B 7 4.93 15.05 10.03
N THR B 8 3.61 14.85 9.93
CA THR B 8 2.93 13.95 10.85
C THR B 8 3.05 12.51 10.37
N PHE B 9 2.76 12.31 9.08
CA PHE B 9 2.79 10.97 8.50
C PHE B 9 2.84 11.04 6.99
N SER B 10 3.79 10.35 6.40
CA SER B 10 3.86 10.21 4.94
C SER B 10 4.10 8.75 4.61
N ASN B 11 3.42 8.25 3.60
CA ASN B 11 3.62 6.85 3.19
C ASN B 11 3.64 6.80 1.68
N ARG B 12 4.37 5.84 1.12
CA ARG B 12 4.39 5.67 -0.32
C ARG B 12 3.20 4.82 -0.77
N SER B 13 2.68 5.13 -1.94
CA SER B 13 1.62 4.35 -2.56
C SER B 13 1.55 4.71 -4.03
N ASP B 14 0.65 4.05 -4.75
CA ASP B 14 0.34 4.49 -6.09
C ASP B 14 -0.28 5.89 -6.05
N ARG B 15 -0.38 6.50 -7.23
CA ARG B 15 -0.83 7.89 -7.37
C ARG B 15 -2.14 8.16 -6.62
N VAL B 16 -2.10 9.11 -5.70
CA VAL B 16 -3.27 9.49 -4.92
C VAL B 16 -4.02 10.64 -5.61
N LYS B 17 -5.25 10.36 -6.06
CA LYS B 17 -6.05 11.34 -6.81
C LYS B 17 -7.07 12.07 -5.94
N GLY B 18 -7.46 11.46 -4.83
CA GLY B 18 -8.44 12.03 -3.92
C GLY B 18 -7.98 11.82 -2.49
N ILE B 19 -8.30 12.77 -1.63
CA ILE B 19 -7.88 12.71 -0.24
C ILE B 19 -8.88 13.50 0.63
N ASP B 20 -9.07 13.06 1.87
CA ASP B 20 -10.08 13.67 2.76
C ASP B 20 -9.80 13.29 4.21
N PHE B 21 -10.08 14.20 5.13
CA PHE B 21 -9.93 13.94 6.56
C PHE B 21 -11.27 13.55 7.18
N HIS B 22 -11.24 12.64 8.15
CA HIS B 22 -12.40 12.39 8.99
C HIS B 22 -12.51 13.54 10.01
N PRO B 23 -13.74 13.99 10.29
CA PRO B 23 -13.85 15.13 11.20
C PRO B 23 -13.59 14.82 12.67
N THR B 24 -13.75 13.56 13.11
CA THR B 24 -13.64 13.25 14.53
C THR B 24 -12.62 12.17 14.89
N GLU B 25 -12.27 11.34 13.91
CA GLU B 25 -11.21 10.33 14.09
C GLU B 25 -9.95 10.82 13.39
N PRO B 26 -8.77 10.39 13.89
CA PRO B 26 -7.50 10.82 13.27
C PRO B 26 -7.21 10.01 12.02
N TRP B 27 -8.11 10.12 11.04
CA TRP B 27 -8.07 9.31 9.83
C TRP B 27 -7.98 10.17 8.58
N VAL B 28 -7.27 9.65 7.59
CA VAL B 28 -7.27 10.23 6.26
C VAL B 28 -7.63 9.13 5.25
N LEU B 29 -8.50 9.47 4.32
CA LEU B 29 -8.86 8.60 3.20
C LEU B 29 -8.03 8.99 2.00
N THR B 30 -7.44 8.02 1.31
CA THR B 30 -6.81 8.25 0.01
C THR B 30 -7.47 7.39 -1.04
N THR B 31 -7.68 7.94 -2.22
CA THR B 31 -8.20 7.17 -3.35
C THR B 31 -7.15 7.16 -4.44
N LEU B 32 -6.88 5.98 -4.99
CA LEU B 32 -5.70 5.78 -5.83
C LEU B 32 -6.02 5.53 -7.30
N TYR B 33 -5.05 5.85 -8.14
CA TYR B 33 -5.17 5.64 -9.58
C TYR B 33 -5.28 4.14 -9.91
N SER B 34 -4.83 3.29 -8.99
CA SER B 34 -4.85 1.84 -9.15
C SER B 34 -6.23 1.21 -8.86
N GLY B 35 -7.17 2.00 -8.38
CA GLY B 35 -8.49 1.46 -8.04
C GLY B 35 -8.64 1.09 -6.57
N ARG B 36 -7.55 1.24 -5.82
CA ARG B 36 -7.53 0.98 -4.39
C ARG B 36 -7.87 2.26 -3.61
N VAL B 37 -8.53 2.09 -2.47
CA VAL B 37 -8.70 3.16 -1.50
C VAL B 37 -8.17 2.70 -0.15
N GLU B 38 -7.63 3.64 0.62
CA GLU B 38 -7.04 3.35 1.91
C GLU B 38 -7.52 4.37 2.95
N ILE B 39 -7.87 3.89 4.14
CA ILE B 39 -8.10 4.79 5.27
C ILE B 39 -6.98 4.55 6.26
N TRP B 40 -6.22 5.61 6.53
CA TRP B 40 -5.11 5.55 7.48
C TRP B 40 -5.40 6.30 8.76
N ASN B 41 -5.02 5.70 9.87
CA ASN B 41 -4.89 6.44 11.12
C ASN B 41 -3.51 7.08 11.12
N TYR B 42 -3.47 8.41 10.99
CA TYR B 42 -2.19 9.10 10.82
C TYR B 42 -1.47 9.36 12.13
N GLU B 43 -2.10 9.00 13.24
CA GLU B 43 -1.43 9.04 14.54
C GLU B 43 -0.67 7.75 14.81
N THR B 44 -1.33 6.61 14.62
CA THR B 44 -0.71 5.31 14.84
C THR B 44 0.03 4.78 13.62
N GLN B 45 -0.22 5.40 12.46
CA GLN B 45 0.38 4.97 11.19
C GLN B 45 0.05 3.51 10.84
N VAL B 46 -1.23 3.17 10.99
CA VAL B 46 -1.77 1.86 10.67
C VAL B 46 -3.07 2.06 9.89
N GLU B 47 -3.32 1.18 8.93
CA GLU B 47 -4.55 1.26 8.13
C GLU B 47 -5.79 0.84 8.90
N VAL B 48 -6.82 1.67 8.85
CA VAL B 48 -8.11 1.32 9.43
C VAL B 48 -8.85 0.32 8.54
N ARG B 49 -8.84 0.58 7.23
CA ARG B 49 -9.49 -0.27 6.26
C ARG B 49 -8.94 0.07 4.88
N SER B 50 -8.83 -0.93 4.02
CA SER B 50 -8.47 -0.69 2.62
C SER B 50 -9.31 -1.59 1.73
N ILE B 51 -9.56 -1.12 0.51
CA ILE B 51 -10.44 -1.83 -0.40
C ILE B 51 -9.93 -1.70 -1.82
N GLN B 52 -9.84 -2.83 -2.51
CA GLN B 52 -9.64 -2.78 -3.95
C GLN B 52 -11.01 -2.58 -4.59
N VAL B 53 -11.34 -1.33 -4.88
CA VAL B 53 -12.70 -0.99 -5.29
C VAL B 53 -12.97 -1.40 -6.74
N THR B 54 -11.97 -1.22 -7.58
CA THR B 54 -12.12 -1.42 -9.02
C THR B 54 -10.71 -1.52 -9.59
N GLU B 55 -10.60 -1.78 -10.89
CA GLU B 55 -9.29 -1.79 -11.55
C GLU B 55 -8.99 -0.46 -12.21
N THR B 56 -9.98 0.44 -12.21
CA THR B 56 -9.86 1.74 -12.86
C THR B 56 -9.50 2.78 -11.82
N PRO B 57 -9.00 3.95 -12.26
CA PRO B 57 -8.69 5.00 -11.29
C PRO B 57 -9.90 5.42 -10.47
N VAL B 58 -9.68 5.64 -9.17
CA VAL B 58 -10.70 6.23 -8.31
C VAL B 58 -10.28 7.68 -8.05
N ARG B 59 -10.90 8.62 -8.76
CA ARG B 59 -10.46 10.02 -8.74
C ARG B 59 -11.08 10.85 -7.65
N ALA B 60 -12.24 10.41 -7.15
CA ALA B 60 -12.96 11.20 -6.16
C ALA B 60 -13.27 10.36 -4.92
N GLY B 61 -13.14 10.98 -3.76
CA GLY B 61 -13.38 10.26 -2.53
C GLY B 61 -13.61 11.21 -1.36
N LYS B 62 -14.67 10.95 -0.62
CA LYS B 62 -14.99 11.74 0.57
C LYS B 62 -15.52 10.88 1.71
N PHE B 63 -15.26 11.30 2.95
CA PHE B 63 -16.01 10.77 4.07
C PHE B 63 -17.41 11.38 4.09
N ILE B 64 -18.40 10.56 4.44
CA ILE B 64 -19.68 11.07 4.94
C ILE B 64 -19.79 10.55 6.36
N ALA B 65 -19.11 11.25 7.26
CA ALA B 65 -18.88 10.80 8.62
C ALA B 65 -20.18 10.61 9.38
N ARG B 66 -21.13 11.51 9.16
CA ARG B 66 -22.40 11.43 9.89
C ARG B 66 -23.21 10.18 9.55
N LYS B 67 -22.78 9.43 8.54
CA LYS B 67 -23.40 8.17 8.17
C LYS B 67 -22.40 7.00 8.28
N ASN B 68 -21.18 7.29 8.74
CA ASN B 68 -20.12 6.29 8.80
C ASN B 68 -19.80 5.67 7.44
N TRP B 69 -19.85 6.51 6.42
CA TRP B 69 -19.57 6.10 5.05
C TRP B 69 -18.32 6.73 4.46
N ILE B 70 -17.78 6.08 3.44
CA ILE B 70 -17.02 6.77 2.42
C ILE B 70 -17.77 6.66 1.11
N ILE B 71 -17.62 7.67 0.27
CA ILE B 71 -18.18 7.65 -1.07
C ILE B 71 -17.05 7.90 -2.05
N VAL B 72 -16.98 7.08 -3.09
CA VAL B 72 -15.91 7.19 -4.08
C VAL B 72 -16.47 7.12 -5.49
N GLY B 73 -15.77 7.77 -6.42
CA GLY B 73 -16.16 7.74 -7.82
C GLY B 73 -14.97 7.38 -8.68
N SER B 74 -15.21 6.56 -9.70
CA SER B 74 -14.12 6.00 -10.48
C SER B 74 -14.31 6.11 -11.99
N ASP B 75 -13.28 5.75 -12.74
CA ASP B 75 -13.30 5.87 -14.19
C ASP B 75 -14.18 4.82 -14.86
N ASP B 76 -14.64 3.85 -14.09
CA ASP B 76 -15.63 2.90 -14.59
C ASP B 76 -17.06 3.47 -14.54
N PHE B 77 -17.17 4.75 -14.20
CA PHE B 77 -18.42 5.52 -14.30
C PHE B 77 -19.28 5.40 -13.07
N ARG B 78 -18.80 4.69 -12.05
CA ARG B 78 -19.63 4.32 -10.92
C ARG B 78 -19.35 5.12 -9.65
N ILE B 79 -20.42 5.37 -8.91
CA ILE B 79 -20.33 5.85 -7.53
C ILE B 79 -20.54 4.63 -6.64
N ARG B 80 -19.68 4.49 -5.64
CA ARG B 80 -19.81 3.42 -4.65
C ARG B 80 -19.70 4.02 -3.25
N VAL B 81 -20.48 3.47 -2.34
CA VAL B 81 -20.48 3.91 -0.95
C VAL B 81 -20.22 2.70 -0.09
N PHE B 82 -19.29 2.85 0.84
CA PHE B 82 -18.93 1.77 1.76
C PHE B 82 -19.08 2.25 3.19
N ASN B 83 -19.58 1.39 4.05
CA ASN B 83 -19.51 1.63 5.48
C ASN B 83 -18.09 1.33 5.96
N TYR B 84 -17.43 2.30 6.57
CA TYR B 84 -16.01 2.10 6.93
C TYR B 84 -15.80 1.29 8.21
N ASN B 85 -16.88 1.08 8.96
CA ASN B 85 -16.84 0.23 10.15
C ASN B 85 -16.93 -1.25 9.85
N THR B 86 -17.64 -1.60 8.77
CA THR B 86 -17.89 -3.01 8.44
C THR B 86 -17.31 -3.43 7.09
N GLY B 87 -17.09 -2.46 6.21
CA GLY B 87 -16.62 -2.76 4.87
C GLY B 87 -17.75 -3.01 3.87
N GLU B 88 -18.98 -3.00 4.37
CA GLU B 88 -20.16 -3.28 3.55
C GLU B 88 -20.31 -2.26 2.41
N LYS B 89 -20.59 -2.76 1.21
CA LYS B 89 -20.90 -1.89 0.09
C LYS B 89 -22.37 -1.47 0.12
N VAL B 90 -22.62 -0.24 0.53
CA VAL B 90 -23.96 0.27 0.73
C VAL B 90 -24.72 0.48 -0.58
N VAL B 91 -24.02 0.96 -1.60
CA VAL B 91 -24.61 1.19 -2.91
C VAL B 91 -23.53 1.25 -3.98
N ASP B 92 -23.91 0.98 -5.22
CA ASP B 92 -22.98 0.87 -6.33
C ASP B 92 -23.80 1.12 -7.59
N PHE B 93 -23.63 2.30 -8.20
CA PHE B 93 -24.43 2.64 -9.37
C PHE B 93 -23.64 3.42 -10.41
N GLU B 94 -24.01 3.28 -11.68
CA GLU B 94 -23.40 4.10 -12.71
C GLU B 94 -24.00 5.48 -12.61
N ALA B 95 -23.17 6.47 -12.32
CA ALA B 95 -23.63 7.83 -12.10
C ALA B 95 -23.60 8.66 -13.39
N HIS B 96 -22.65 8.37 -14.26
CA HIS B 96 -22.46 9.13 -15.49
C HIS B 96 -21.98 8.14 -16.53
N PRO B 97 -22.17 8.45 -17.82
CA PRO B 97 -21.59 7.59 -18.86
C PRO B 97 -20.14 7.99 -19.20
N ASP B 98 -19.43 8.56 -18.24
CA ASP B 98 -18.04 8.96 -18.44
C ASP B 98 -17.35 9.11 -17.08
N TYR B 99 -16.05 9.40 -17.10
CA TYR B 99 -15.27 9.52 -15.86
C TYR B 99 -15.91 10.47 -14.85
N ILE B 100 -15.82 10.11 -13.58
CA ILE B 100 -16.21 11.00 -12.50
C ILE B 100 -14.95 11.68 -11.99
N ARG B 101 -14.98 13.02 -11.96
CA ARG B 101 -13.81 13.80 -11.59
C ARG B 101 -13.84 14.29 -10.15
N SER B 102 -15.04 14.48 -9.61
CA SER B 102 -15.17 15.20 -8.33
C SER B 102 -16.49 14.84 -7.67
N ILE B 103 -16.46 14.69 -6.35
CA ILE B 103 -17.65 14.49 -5.54
C ILE B 103 -17.64 15.46 -4.38
N ALA B 104 -18.78 16.08 -4.11
CA ALA B 104 -18.90 16.98 -2.97
C ALA B 104 -20.06 16.51 -2.12
N VAL B 105 -19.89 16.56 -0.80
CA VAL B 105 -20.93 16.16 0.13
C VAL B 105 -21.57 17.39 0.77
N HIS B 106 -22.89 17.45 0.73
CA HIS B 106 -23.62 18.59 1.29
C HIS B 106 -23.42 18.57 2.80
N PRO B 107 -23.08 19.73 3.40
CA PRO B 107 -22.76 19.74 4.83
C PRO B 107 -23.97 19.63 5.76
N THR B 108 -25.18 19.85 5.26
CA THR B 108 -26.34 19.93 6.15
C THR B 108 -27.61 19.21 5.65
N LYS B 109 -27.49 18.54 4.51
CA LYS B 109 -28.62 17.87 3.89
C LYS B 109 -28.09 16.61 3.22
N PRO B 110 -28.98 15.64 2.94
CA PRO B 110 -28.49 14.33 2.51
C PRO B 110 -28.26 14.25 1.00
N TYR B 111 -27.36 15.11 0.52
CA TYR B 111 -27.05 15.26 -0.90
C TYR B 111 -25.57 15.07 -1.16
N VAL B 112 -25.27 14.47 -2.31
CA VAL B 112 -23.94 14.51 -2.90
C VAL B 112 -24.02 15.05 -4.33
N LEU B 113 -22.99 15.78 -4.73
CA LEU B 113 -22.81 16.24 -6.11
C LEU B 113 -21.69 15.45 -6.75
N SER B 114 -21.90 15.07 -8.00
CA SER B 114 -20.83 14.49 -8.79
C SER B 114 -20.62 15.30 -10.06
N GLY B 115 -19.36 15.49 -10.42
CA GLY B 115 -18.99 16.23 -11.61
C GLY B 115 -18.25 15.29 -12.55
N SER B 116 -18.53 15.37 -13.85
CA SER B 116 -18.10 14.34 -14.79
C SER B 116 -17.60 14.88 -16.13
N ASP B 117 -16.85 14.02 -16.83
CA ASP B 117 -16.43 14.28 -18.19
C ASP B 117 -17.61 14.30 -19.16
N ASP B 118 -18.79 13.88 -18.70
CA ASP B 118 -20.01 13.94 -19.51
C ASP B 118 -20.64 15.34 -19.56
N LEU B 119 -19.91 16.32 -19.01
CA LEU B 119 -20.24 17.75 -19.11
C LEU B 119 -21.30 18.19 -18.11
N THR B 120 -21.66 17.32 -17.18
CA THR B 120 -22.73 17.62 -16.23
C THR B 120 -22.29 17.51 -14.78
N VAL B 121 -23.09 18.11 -13.91
CA VAL B 121 -23.04 17.86 -12.49
C VAL B 121 -24.36 17.21 -12.15
N LYS B 122 -24.33 16.21 -11.28
CA LYS B 122 -25.55 15.57 -10.84
C LYS B 122 -25.66 15.62 -9.32
N LEU B 123 -26.91 15.75 -8.85
CA LEU B 123 -27.26 15.84 -7.44
C LEU B 123 -28.02 14.58 -7.05
N TRP B 124 -27.47 13.86 -6.07
CA TRP B 124 -28.02 12.59 -5.62
C TRP B 124 -28.50 12.70 -4.18
N ASN B 125 -29.69 12.19 -3.90
CA ASN B 125 -30.31 12.30 -2.58
C ASN B 125 -30.25 10.93 -1.88
N TRP B 126 -29.39 10.80 -0.88
CA TRP B 126 -29.23 9.49 -0.23
C TRP B 126 -30.38 9.08 0.68
N GLU B 127 -31.24 10.02 1.04
CA GLU B 127 -32.41 9.71 1.85
C GLU B 127 -33.51 9.12 0.97
N ASN B 128 -33.44 9.43 -0.32
CA ASN B 128 -34.42 8.93 -1.27
C ASN B 128 -33.83 7.85 -2.16
N ASN B 129 -33.15 6.90 -1.53
CA ASN B 129 -32.54 5.76 -2.23
C ASN B 129 -31.59 6.20 -3.34
N TRP B 130 -30.76 7.20 -3.06
CA TRP B 130 -29.76 7.71 -4.00
C TRP B 130 -30.38 8.13 -5.33
N ALA B 131 -31.60 8.64 -5.27
CA ALA B 131 -32.29 9.14 -6.44
C ALA B 131 -31.53 10.30 -7.09
N LEU B 132 -31.55 10.35 -8.42
CA LEU B 132 -31.04 11.52 -9.13
C LEU B 132 -32.07 12.63 -9.02
N GLU B 133 -31.74 13.68 -8.28
CA GLU B 133 -32.71 14.74 -8.05
C GLU B 133 -32.63 15.85 -9.10
N GLN B 134 -31.42 16.14 -9.56
CA GLN B 134 -31.21 17.18 -10.56
C GLN B 134 -29.96 16.89 -11.38
N THR B 135 -30.01 17.28 -12.64
CA THR B 135 -28.83 17.33 -13.48
C THR B 135 -28.61 18.79 -13.86
N PHE B 136 -27.36 19.24 -13.76
CA PHE B 136 -27.02 20.63 -14.07
C PHE B 136 -26.23 20.66 -15.37
N GLU B 137 -26.87 21.16 -16.43
CA GLU B 137 -26.29 21.17 -17.76
C GLU B 137 -25.88 22.57 -18.22
N GLY B 138 -24.88 22.63 -19.09
CA GLY B 138 -24.44 23.91 -19.64
C GLY B 138 -22.95 24.02 -19.88
N HIS B 139 -22.16 23.28 -19.11
CA HIS B 139 -20.73 23.27 -19.31
C HIS B 139 -20.40 22.62 -20.66
N GLU B 140 -19.27 23.00 -21.24
CA GLU B 140 -18.91 22.54 -22.58
C GLU B 140 -17.69 21.63 -22.62
N HIS B 141 -17.16 21.28 -21.45
CA HIS B 141 -16.01 20.38 -21.37
C HIS B 141 -16.06 19.69 -20.01
N PHE B 142 -15.02 18.90 -19.70
CA PHE B 142 -15.05 18.08 -18.48
C PHE B 142 -15.29 18.96 -17.25
N VAL B 143 -16.22 18.57 -16.40
CA VAL B 143 -16.38 19.24 -15.11
C VAL B 143 -15.37 18.63 -14.15
N MET B 144 -14.41 19.45 -13.70
CA MET B 144 -13.25 18.98 -12.94
C MET B 144 -13.43 19.03 -11.42
N CYS B 145 -14.33 19.88 -10.96
CA CYS B 145 -14.45 20.12 -9.54
C CYS B 145 -15.84 20.66 -9.21
N VAL B 146 -16.40 20.19 -8.12
CA VAL B 146 -17.66 20.75 -7.60
C VAL B 146 -17.46 21.05 -6.14
N ALA B 147 -18.03 22.15 -5.66
CA ALA B 147 -17.87 22.55 -4.27
C ALA B 147 -19.10 23.30 -3.78
N PHE B 148 -19.65 22.89 -2.65
CA PHE B 148 -20.73 23.65 -2.03
C PHE B 148 -20.18 24.93 -1.40
N ASN B 149 -20.96 26.01 -1.47
CA ASN B 149 -20.66 27.19 -0.67
C ASN B 149 -20.95 26.88 0.80
N PRO B 150 -19.91 26.85 1.65
CA PRO B 150 -20.13 26.46 3.05
C PRO B 150 -21.00 27.46 3.82
N LYS B 151 -21.09 28.70 3.35
CA LYS B 151 -21.91 29.72 4.03
C LYS B 151 -23.35 29.71 3.54
N ASP B 152 -23.57 29.07 2.40
CA ASP B 152 -24.91 28.94 1.83
C ASP B 152 -24.92 27.73 0.91
N PRO B 153 -25.03 26.53 1.49
CA PRO B 153 -24.92 25.31 0.70
C PRO B 153 -26.14 24.99 -0.17
N SER B 154 -27.11 25.91 -0.22
CA SER B 154 -28.12 25.82 -1.28
C SER B 154 -27.51 26.22 -2.62
N THR B 155 -26.28 26.72 -2.59
CA THR B 155 -25.55 27.05 -3.82
C THR B 155 -24.25 26.26 -3.89
N PHE B 156 -23.75 26.07 -5.10
CA PHE B 156 -22.48 25.38 -5.28
C PHE B 156 -21.82 25.86 -6.54
N ALA B 157 -20.53 25.55 -6.67
CA ALA B 157 -19.78 25.96 -7.84
C ALA B 157 -19.22 24.76 -8.56
N SER B 158 -19.18 24.85 -9.89
CA SER B 158 -18.52 23.85 -10.73
C SER B 158 -17.42 24.50 -11.55
N GLY B 159 -16.25 23.89 -11.58
CA GLY B 159 -15.11 24.39 -12.32
C GLY B 159 -14.86 23.45 -13.50
N CYS B 160 -14.60 24.00 -14.66
CA CYS B 160 -14.66 23.22 -15.89
C CYS B 160 -13.53 23.54 -16.86
N LEU B 161 -13.15 22.56 -17.68
CA LEU B 161 -12.10 22.77 -18.67
C LEU B 161 -12.54 23.74 -19.76
N ASP B 162 -13.83 24.07 -19.76
CA ASP B 162 -14.36 25.09 -20.68
C ASP B 162 -14.02 26.53 -20.26
N ARG B 163 -13.19 26.66 -19.23
CA ARG B 163 -12.63 27.96 -18.81
C ARG B 163 -13.57 28.74 -17.92
N THR B 164 -14.68 28.12 -17.52
CA THR B 164 -15.65 28.80 -16.68
C THR B 164 -15.85 28.14 -15.33
N VAL B 165 -16.38 28.92 -14.41
CA VAL B 165 -17.01 28.43 -13.20
C VAL B 165 -18.47 28.79 -13.33
N LYS B 166 -19.33 27.84 -13.05
CA LYS B 166 -20.75 28.12 -12.93
C LYS B 166 -21.17 27.97 -11.47
N VAL B 167 -21.96 28.93 -11.00
CA VAL B 167 -22.54 28.84 -9.68
C VAL B 167 -24.03 28.56 -9.83
N TRP B 168 -24.51 27.58 -9.08
CA TRP B 168 -25.86 27.08 -9.25
C TRP B 168 -26.59 27.11 -7.92
N SER B 169 -27.92 26.98 -7.99
CA SER B 169 -28.77 26.86 -6.82
C SER B 169 -29.57 25.56 -6.88
N LEU B 170 -29.63 24.86 -5.76
CA LEU B 170 -30.50 23.69 -5.67
C LEU B 170 -31.92 24.12 -5.99
N GLY B 171 -32.61 23.35 -6.83
CA GLY B 171 -33.97 23.68 -7.22
C GLY B 171 -34.06 24.57 -8.45
N GLN B 172 -32.92 25.00 -8.97
CA GLN B 172 -32.89 25.78 -10.20
C GLN B 172 -32.07 25.04 -11.25
N SER B 173 -32.51 25.11 -12.49
CA SER B 173 -31.92 24.29 -13.55
C SER B 173 -30.82 24.99 -14.36
N THR B 174 -30.72 26.32 -14.21
CA THR B 174 -29.70 27.09 -14.89
C THR B 174 -28.80 27.79 -13.88
N PRO B 175 -27.57 28.13 -14.29
CA PRO B 175 -26.65 28.79 -13.36
C PRO B 175 -27.19 30.12 -12.89
N ASN B 176 -26.90 30.47 -11.64
CA ASN B 176 -27.14 31.84 -11.20
C ASN B 176 -26.25 32.78 -11.98
N PHE B 177 -25.03 32.35 -12.26
CA PHE B 177 -24.11 33.06 -13.15
C PHE B 177 -22.99 32.15 -13.65
N THR B 178 -22.38 32.58 -14.74
CA THR B 178 -21.21 31.93 -15.31
C THR B 178 -20.04 32.89 -15.26
N LEU B 179 -18.95 32.46 -14.66
CA LEU B 179 -17.76 33.29 -14.56
C LEU B 179 -16.77 32.87 -15.65
N THR B 180 -16.37 33.83 -16.48
CA THR B 180 -15.34 33.58 -17.48
C THR B 180 -13.99 33.90 -16.85
N THR B 181 -13.13 32.90 -16.70
CA THR B 181 -11.97 33.06 -15.83
C THR B 181 -10.75 33.68 -16.49
N GLY B 182 -10.65 33.62 -17.81
CA GLY B 182 -9.43 34.03 -18.46
C GLY B 182 -8.30 33.04 -18.25
N GLN B 183 -8.62 31.89 -17.66
CA GLN B 183 -7.64 30.80 -17.51
C GLN B 183 -7.84 29.86 -18.69
N GLU B 184 -7.05 30.10 -19.73
CA GLU B 184 -7.36 29.57 -21.05
C GLU B 184 -7.15 28.07 -21.23
N ARG B 185 -6.38 27.46 -20.35
CA ARG B 185 -6.21 26.01 -20.37
C ARG B 185 -7.22 25.32 -19.44
N GLY B 186 -8.18 26.08 -18.94
CA GLY B 186 -9.28 25.51 -18.18
C GLY B 186 -9.19 25.68 -16.68
N VAL B 187 -10.24 25.25 -15.98
CA VAL B 187 -10.28 25.32 -14.53
C VAL B 187 -10.25 23.90 -13.94
N ASN B 188 -9.27 23.63 -13.09
CA ASN B 188 -9.09 22.31 -12.47
C ASN B 188 -9.77 22.19 -11.13
N TYR B 189 -9.94 23.32 -10.46
CA TYR B 189 -10.35 23.31 -9.07
C TYR B 189 -11.02 24.61 -8.75
N VAL B 190 -12.04 24.54 -7.91
CA VAL B 190 -12.73 25.72 -7.40
C VAL B 190 -13.05 25.50 -5.92
N ASP B 191 -12.89 26.56 -5.13
CA ASP B 191 -13.10 26.45 -3.70
C ASP B 191 -13.62 27.78 -3.19
N TYR B 192 -14.33 27.74 -2.07
CA TYR B 192 -14.86 28.93 -1.41
C TYR B 192 -14.06 29.35 -0.17
N TYR B 193 -13.89 30.65 0.01
CA TYR B 193 -13.41 31.19 1.27
C TYR B 193 -14.50 30.89 2.32
N PRO B 194 -14.11 30.31 3.47
CA PRO B 194 -15.19 29.84 4.34
C PRO B 194 -15.79 30.88 5.30
N LEU B 195 -15.15 32.03 5.48
CA LEU B 195 -15.65 32.96 6.49
C LEU B 195 -16.54 34.04 5.87
N PRO B 196 -17.48 34.57 6.66
CA PRO B 196 -18.50 35.50 6.12
C PRO B 196 -18.00 36.87 5.66
N ASP B 197 -16.75 37.25 5.95
CA ASP B 197 -16.31 38.62 5.64
C ASP B 197 -15.96 38.88 4.17
N LYS B 198 -15.76 37.82 3.39
CA LYS B 198 -15.43 37.98 1.98
C LYS B 198 -16.21 36.98 1.14
N PRO B 199 -16.85 37.45 0.06
CA PRO B 199 -17.56 36.55 -0.86
C PRO B 199 -16.59 36.06 -1.94
N TYR B 200 -15.61 35.27 -1.52
CA TYR B 200 -14.52 34.89 -2.41
C TYR B 200 -14.57 33.42 -2.83
N MET B 201 -14.18 33.18 -4.08
CA MET B 201 -13.92 31.86 -4.62
C MET B 201 -12.50 31.87 -5.14
N ILE B 202 -11.90 30.69 -5.34
CA ILE B 202 -10.55 30.60 -5.85
C ILE B 202 -10.48 29.50 -6.91
N THR B 203 -9.77 29.76 -8.01
CA THR B 203 -9.66 28.80 -9.11
C THR B 203 -8.20 28.48 -9.46
N ALA B 204 -7.95 27.23 -9.86
CA ALA B 204 -6.61 26.78 -10.21
C ALA B 204 -6.66 26.23 -11.62
N SER B 205 -5.59 26.42 -12.39
CA SER B 205 -5.63 26.15 -13.83
C SER B 205 -4.34 25.49 -14.35
N ASP B 206 -4.47 24.77 -15.45
CA ASP B 206 -3.34 24.28 -16.21
C ASP B 206 -2.49 25.41 -16.79
N ASP B 207 -3.01 26.63 -16.79
CA ASP B 207 -2.25 27.78 -17.29
C ASP B 207 -1.28 28.33 -16.24
N LEU B 208 -1.14 27.60 -15.14
CA LEU B 208 -0.17 27.90 -14.07
C LEU B 208 -0.59 29.02 -13.12
N THR B 209 -1.81 29.55 -13.30
CA THR B 209 -2.31 30.59 -12.44
C THR B 209 -3.35 30.12 -11.44
N ILE B 210 -3.45 30.89 -10.36
CA ILE B 210 -4.50 30.78 -9.37
C ILE B 210 -5.18 32.14 -9.34
N LYS B 211 -6.50 32.16 -9.37
CA LYS B 211 -7.25 33.41 -9.34
C LYS B 211 -8.27 33.46 -8.21
N ILE B 212 -8.38 34.63 -7.59
CA ILE B 212 -9.34 34.88 -6.52
C ILE B 212 -10.47 35.71 -7.10
N TRP B 213 -11.72 35.36 -6.78
CA TRP B 213 -12.91 36.03 -7.35
C TRP B 213 -13.88 36.48 -6.28
N ASP B 214 -14.48 37.64 -6.51
CA ASP B 214 -15.61 38.10 -5.73
C ASP B 214 -16.85 37.55 -6.43
N TYR B 215 -17.57 36.65 -5.77
CA TYR B 215 -18.68 35.99 -6.46
C TYR B 215 -19.97 36.83 -6.50
N GLN B 216 -19.92 38.01 -5.90
CA GLN B 216 -21.05 38.93 -5.99
C GLN B 216 -20.91 39.81 -7.23
N THR B 217 -19.68 40.22 -7.54
CA THR B 217 -19.45 41.11 -8.69
C THR B 217 -18.84 40.40 -9.89
N LYS B 218 -18.32 39.19 -9.66
CA LYS B 218 -17.60 38.39 -10.67
C LYS B 218 -16.21 38.95 -11.03
N SER B 219 -15.72 39.90 -10.24
CA SER B 219 -14.43 40.52 -10.52
C SER B 219 -13.26 39.68 -10.02
N CYS B 220 -12.17 39.68 -10.78
CA CYS B 220 -10.95 39.05 -10.32
C CYS B 220 -10.23 39.97 -9.35
N VAL B 221 -10.08 39.50 -8.12
CA VAL B 221 -9.44 40.24 -7.04
C VAL B 221 -7.91 40.15 -7.10
N ALA B 222 -7.40 38.97 -7.44
CA ALA B 222 -5.97 38.75 -7.51
C ALA B 222 -5.64 37.56 -8.38
N THR B 223 -4.45 37.60 -8.95
CA THR B 223 -3.87 36.45 -9.64
C THR B 223 -2.57 36.06 -8.96
N LEU B 224 -2.45 34.76 -8.64
CA LEU B 224 -1.31 34.21 -7.94
C LEU B 224 -0.46 33.39 -8.91
N GLU B 225 0.76 33.85 -9.18
CA GLU B 225 1.68 33.18 -10.08
C GLU B 225 2.92 32.72 -9.32
N GLY B 226 3.49 31.60 -9.75
CA GLY B 226 4.70 31.08 -9.13
C GLY B 226 4.90 29.60 -9.40
N HIS B 227 3.81 28.86 -9.52
CA HIS B 227 3.92 27.44 -9.88
C HIS B 227 4.50 27.28 -11.27
N MET B 228 5.23 26.18 -11.47
CA MET B 228 5.94 25.95 -12.72
C MET B 228 5.30 24.90 -13.62
N SER B 229 4.15 24.38 -13.18
CA SER B 229 3.37 23.50 -14.04
C SER B 229 1.93 23.53 -13.54
N ASN B 230 1.09 22.68 -14.13
CA ASN B 230 -0.34 22.70 -13.86
C ASN B 230 -0.65 22.81 -12.37
N VAL B 231 -1.58 23.69 -12.01
CA VAL B 231 -1.99 23.80 -10.62
C VAL B 231 -3.20 22.91 -10.40
N SER B 232 -3.03 21.88 -9.56
CA SER B 232 -4.06 20.88 -9.34
C SER B 232 -5.17 21.38 -8.44
N PHE B 233 -4.81 22.22 -7.47
CA PHE B 233 -5.79 22.74 -6.52
C PHE B 233 -5.25 23.99 -5.86
N ALA B 234 -6.18 24.75 -5.30
CA ALA B 234 -5.86 25.90 -4.47
C ALA B 234 -7.03 26.10 -3.53
N VAL B 235 -6.75 26.21 -2.24
CA VAL B 235 -7.82 26.33 -1.25
C VAL B 235 -7.48 27.41 -0.23
N PHE B 236 -8.51 28.02 0.36
CA PHE B 236 -8.30 28.85 1.54
C PHE B 236 -8.24 27.92 2.74
N HIS B 237 -7.32 28.18 3.67
CA HIS B 237 -7.29 27.38 4.89
C HIS B 237 -8.45 27.84 5.77
N PRO B 238 -9.12 26.88 6.43
CA PRO B 238 -10.33 27.23 7.19
C PRO B 238 -10.11 28.14 8.40
N THR B 239 -8.88 28.30 8.88
CA THR B 239 -8.63 29.08 10.09
C THR B 239 -7.38 29.96 10.06
N LEU B 240 -6.43 29.60 9.21
CA LEU B 240 -5.19 30.36 9.07
C LEU B 240 -5.30 31.29 7.87
N PRO B 241 -4.66 32.47 7.94
CA PRO B 241 -4.75 33.47 6.86
C PRO B 241 -3.84 33.10 5.70
N ILE B 242 -4.06 31.91 5.17
CA ILE B 242 -3.24 31.40 4.09
C ILE B 242 -4.07 30.70 3.02
N ILE B 243 -3.47 30.63 1.84
CA ILE B 243 -3.98 29.83 0.73
C ILE B 243 -2.97 28.72 0.51
N ILE B 244 -3.46 27.51 0.23
CA ILE B 244 -2.58 26.37 -0.02
C ILE B 244 -2.83 25.83 -1.40
N SER B 245 -1.77 25.66 -2.16
CA SER B 245 -1.90 25.13 -3.52
C SER B 245 -0.91 24.00 -3.76
N GLY B 246 -1.19 23.23 -4.81
CA GLY B 246 -0.35 22.09 -5.15
C GLY B 246 -0.33 21.96 -6.65
N SER B 247 0.77 21.43 -7.18
CA SER B 247 1.03 21.51 -8.61
C SER B 247 1.75 20.28 -9.13
N GLU B 248 1.65 20.09 -10.43
CA GLU B 248 2.42 19.04 -11.08
C GLU B 248 3.92 19.35 -11.08
N ASP B 249 4.28 20.55 -10.61
CA ASP B 249 5.70 20.87 -10.38
C ASP B 249 6.26 20.18 -9.13
N GLY B 250 5.41 19.45 -8.41
CA GLY B 250 5.86 18.68 -7.27
C GLY B 250 5.86 19.47 -5.98
N THR B 251 5.41 20.72 -6.03
CA THR B 251 5.44 21.54 -4.83
C THR B 251 4.06 21.83 -4.27
N LEU B 252 4.04 22.05 -2.96
CA LEU B 252 2.93 22.73 -2.30
C LEU B 252 3.41 24.15 -2.04
N LYS B 253 2.53 25.13 -2.23
CA LYS B 253 2.86 26.50 -1.89
C LYS B 253 1.85 27.05 -0.90
N ILE B 254 2.36 27.81 0.06
CA ILE B 254 1.52 28.51 1.01
C ILE B 254 1.62 29.99 0.68
N TRP B 255 0.47 30.63 0.50
CA TRP B 255 0.41 32.05 0.13
C TRP B 255 -0.27 32.85 1.23
N ASN B 256 0.19 34.07 1.43
CA ASN B 256 -0.48 34.99 2.34
C ASN B 256 -1.85 35.37 1.76
N SER B 257 -2.91 35.20 2.54
CA SER B 257 -4.25 35.45 2.01
C SER B 257 -4.65 36.93 1.99
N SER B 258 -3.79 37.80 2.51
CA SER B 258 -4.01 39.25 2.44
C SER B 258 -3.20 39.92 1.35
N THR B 259 -1.92 39.55 1.25
CA THR B 259 -1.01 40.15 0.29
C THR B 259 -0.93 39.34 -1.01
N TYR B 260 -1.30 38.07 -0.92
CA TYR B 260 -1.30 37.15 -2.06
C TYR B 260 0.10 36.81 -2.54
N LYS B 261 1.09 37.05 -1.68
CA LYS B 261 2.46 36.70 -1.97
C LYS B 261 2.78 35.33 -1.37
N VAL B 262 3.63 34.58 -2.07
CA VAL B 262 4.05 33.27 -1.56
C VAL B 262 4.82 33.46 -0.27
N GLU B 263 4.59 32.55 0.68
CA GLU B 263 5.25 32.55 1.97
C GLU B 263 6.20 31.37 2.11
N LYS B 264 5.81 30.24 1.53
CA LYS B 264 6.60 29.01 1.61
C LYS B 264 6.35 28.10 0.42
N THR B 265 7.40 27.48 -0.09
CA THR B 265 7.30 26.43 -1.11
C THR B 265 7.89 25.15 -0.54
N LEU B 266 7.13 24.06 -0.64
CA LEU B 266 7.56 22.77 -0.10
C LEU B 266 7.76 21.78 -1.22
N ASN B 267 9.00 21.30 -1.38
CA ASN B 267 9.32 20.20 -2.28
C ASN B 267 9.13 18.91 -1.52
N VAL B 268 7.95 18.33 -1.67
CA VAL B 268 7.56 17.18 -0.88
C VAL B 268 8.34 15.89 -1.20
N GLY B 269 8.81 15.77 -2.44
CA GLY B 269 9.60 14.61 -2.84
C GLY B 269 8.77 13.42 -3.26
N LEU B 270 7.50 13.66 -3.62
CA LEU B 270 6.60 12.58 -4.04
C LEU B 270 6.10 12.78 -5.47
N GLU B 271 6.80 13.63 -6.22
CA GLU B 271 6.46 13.96 -7.61
C GLU B 271 5.17 14.79 -7.70
N ARG B 272 4.35 14.58 -8.73
CA ARG B 272 3.23 15.51 -8.95
C ARG B 272 2.19 15.51 -7.84
N SER B 273 1.71 16.70 -7.46
CA SER B 273 0.66 16.85 -6.47
C SER B 273 -0.71 16.92 -7.14
N TRP B 274 -1.70 16.22 -6.59
CA TRP B 274 -3.02 16.11 -7.22
C TRP B 274 -4.21 16.58 -6.39
N CYS B 275 -4.09 16.51 -5.07
CA CYS B 275 -5.25 16.71 -4.23
C CYS B 275 -4.88 17.19 -2.84
N ILE B 276 -5.86 17.77 -2.16
CA ILE B 276 -5.64 18.42 -0.88
C ILE B 276 -6.83 18.18 0.02
N ALA B 277 -6.56 18.12 1.31
CA ALA B 277 -7.61 18.14 2.31
C ALA B 277 -7.14 18.99 3.46
N THR B 278 -8.07 19.70 4.08
CA THR B 278 -7.77 20.43 5.29
C THR B 278 -8.68 19.86 6.36
N HIS B 279 -8.23 19.85 7.61
CA HIS B 279 -9.05 19.21 8.62
C HIS B 279 -10.27 20.04 8.98
N LYS B 284 -5.30 20.93 14.86
CA LYS B 284 -3.97 21.49 14.93
C LYS B 284 -3.51 21.76 13.51
N ASN B 285 -4.41 22.34 12.73
CA ASN B 285 -4.06 22.77 11.39
C ASN B 285 -3.34 21.66 10.65
N TYR B 286 -4.01 20.51 10.58
CA TYR B 286 -3.56 19.41 9.74
C TYR B 286 -3.94 19.71 8.31
N ILE B 287 -3.03 19.44 7.38
CA ILE B 287 -3.40 19.36 5.99
C ILE B 287 -2.82 18.07 5.44
N ALA B 288 -3.39 17.61 4.32
CA ALA B 288 -2.89 16.41 3.66
C ALA B 288 -2.96 16.58 2.16
N SER B 289 -1.97 16.06 1.46
CA SER B 289 -1.98 16.13 0.01
C SER B 289 -1.56 14.78 -0.58
N GLY B 290 -2.17 14.44 -1.70
CA GLY B 290 -1.89 13.22 -2.44
C GLY B 290 -1.06 13.52 -3.66
N PHE B 291 -0.11 12.63 -3.94
CA PHE B 291 0.88 12.82 -5.00
C PHE B 291 1.02 11.55 -5.83
N ASP B 292 1.80 11.66 -6.90
CA ASP B 292 2.18 10.50 -7.71
C ASP B 292 2.65 9.31 -6.90
N ASN B 293 3.48 9.57 -5.89
CA ASN B 293 4.16 8.48 -5.19
C ASN B 293 3.72 8.24 -3.75
N GLY B 294 2.64 8.89 -3.34
CA GLY B 294 2.12 8.67 -2.00
C GLY B 294 1.38 9.87 -1.47
N PHE B 295 1.26 9.94 -0.15
CA PHE B 295 0.63 11.08 0.48
C PHE B 295 1.44 11.58 1.66
N THR B 296 1.16 12.80 2.09
CA THR B 296 1.72 13.33 3.32
C THR B 296 0.66 14.08 4.13
N VAL B 297 0.74 13.93 5.44
CA VAL B 297 -0.10 14.67 6.36
C VAL B 297 0.82 15.59 7.12
N LEU B 298 0.53 16.89 7.09
CA LEU B 298 1.39 17.87 7.71
C LEU B 298 0.67 18.63 8.82
N SER B 299 1.41 18.96 9.88
CA SER B 299 0.92 19.92 10.86
C SER B 299 1.55 21.26 10.53
N LEU B 300 0.75 22.33 10.53
CA LEU B 300 1.23 23.61 10.05
C LEU B 300 1.92 24.48 11.09
N ALA C 1 -6.47 -22.84 18.16
CA ALA C 1 -6.25 -22.53 16.75
C ALA C 1 -4.87 -21.95 16.55
N ARG C 2 -3.92 -22.79 16.12
CA ARG C 2 -2.52 -22.37 16.11
C ARG C 2 -2.04 -21.62 14.88
N LYS C 3 -1.19 -20.62 15.13
CA LYS C 3 -0.51 -19.86 14.09
C LYS C 3 -1.48 -19.18 13.13
N LEU C 4 -2.54 -18.56 13.64
CA LEU C 4 -3.50 -17.89 12.76
C LEU C 4 -3.00 -16.53 12.30
N ASP C 5 -2.23 -15.85 13.16
CA ASP C 5 -1.69 -14.52 12.83
C ASP C 5 -0.61 -14.58 11.73
N ARG D 2 -7.24 13.83 -22.76
CA ARG D 2 -7.10 14.99 -21.88
C ARG D 2 -7.28 14.60 -20.42
N LYS D 3 -6.37 15.05 -19.56
CA LYS D 3 -6.45 14.78 -18.12
C LYS D 3 -6.54 13.29 -17.80
N LEU D 4 -5.76 12.46 -18.49
CA LEU D 4 -5.79 11.03 -18.23
C LEU D 4 -5.12 10.64 -16.91
N ASP D 5 -4.03 11.32 -16.57
CA ASP D 5 -3.26 11.01 -15.36
C ASP D 5 -3.99 11.40 -14.09
#